data_5KEI
#
_entry.id   5KEI
#
_cell.length_a   56.362
_cell.length_b   85.746
_cell.length_c   104.665
_cell.angle_alpha   90.00
_cell.angle_beta   90.00
_cell.angle_gamma   90.00
#
_symmetry.space_group_name_H-M   'P 21 21 21'
#
loop_
_entity.id
_entity.type
_entity.pdbx_description
1 polymer '2,3-dihydroxybenzoate-AMP ligase'
2 water water
#
_entity_poly.entity_id   1
_entity_poly.type   'polypeptide(L)'
_entity_poly.pdbx_seq_one_letter_code
;MTLTTPHPRPEQSESAAQSSLLAGFTPFPAERAQAYRAAGYWRDQLLDSVLRTAARTWPDHIAVIDADHRHTYAELDRLA
DRAAAGIAGLGIRPGDRVLVQLPNTAEFAVALFGLLRAGAVPVMCLPGHRLAELTHFAEVSSAVALVVADTAGGFDHRDL
ARELVRSHPDVRHVLVDGDAAEFLSWAEVTRAAPGPVPEIAPDPAAPALLLVSGGTTGAPKLIPRTHQDYVYNATASAEL
CRLTADDVYLVALPAAHNFPLACPGLLGAMTVGATTVFTTDPSPEAAFAAIDEHGVTATALVPALAKLWAQACAWEPLAP
KTLRLLQVGGAKLAAPDAALVRGALTPGLQQVFGMAEGLLNYTRIGDPPEVLENTQGRPLSPDDEIRIVDEVGNEVPPGA
EGELLVRGPYTLNGYFNAEAANERSFSPDGFYRSGDRVRRFADGPLAGYLEVTGRIKDVIVRGGENVSALDLEEHLLTHP
SVWAAAAVALPDEFLGEKICAVVVFNGPPVSLAELHAHLEQRGVAAHSRPDALVPMPSLPTTAVGKIDKKAIVRQLGG
;
_entity_poly.pdbx_strand_id   A
#
# COMPACT_ATOMS: atom_id res chain seq x y z
N GLN A 18 -8.55 -24.38 -7.92
CA GLN A 18 -7.68 -24.31 -6.75
C GLN A 18 -7.52 -22.87 -6.25
N SER A 19 -8.20 -21.94 -6.91
CA SER A 19 -8.01 -20.52 -6.64
C SER A 19 -9.19 -19.82 -5.96
N SER A 20 -9.03 -19.68 -4.66
CA SER A 20 -9.76 -18.75 -3.84
C SER A 20 -9.23 -17.35 -4.09
N LEU A 21 -8.34 -17.21 -5.08
CA LEU A 21 -7.87 -15.89 -5.49
C LEU A 21 -9.08 -15.05 -5.85
N LEU A 22 -10.00 -15.64 -6.62
CA LEU A 22 -11.21 -14.93 -7.06
C LEU A 22 -12.20 -14.76 -5.91
N ALA A 23 -12.12 -15.66 -4.94
CA ALA A 23 -13.04 -15.63 -3.80
C ALA A 23 -12.84 -14.41 -2.91
N GLY A 24 -11.61 -13.93 -2.81
CA GLY A 24 -11.28 -12.81 -1.95
C GLY A 24 -11.29 -11.48 -2.68
N PHE A 25 -11.50 -11.55 -3.99
CA PHE A 25 -11.35 -10.41 -4.88
C PHE A 25 -12.67 -9.75 -5.27
N THR A 26 -12.74 -8.43 -5.12
CA THR A 26 -13.87 -7.66 -5.60
C THR A 26 -13.45 -7.00 -6.90
N PRO A 27 -13.95 -7.50 -8.04
CA PRO A 27 -13.46 -7.02 -9.33
C PRO A 27 -13.92 -5.62 -9.66
N PHE A 28 -13.28 -4.99 -10.64
CA PHE A 28 -13.81 -3.75 -11.21
C PHE A 28 -15.09 -4.07 -11.95
N PRO A 29 -16.11 -3.23 -11.78
CA PRO A 29 -17.33 -3.42 -12.57
C PRO A 29 -17.04 -3.39 -14.07
N ALA A 30 -17.68 -4.29 -14.81
CA ALA A 30 -17.51 -4.44 -16.25
C ALA A 30 -17.52 -3.13 -17.04
N GLU A 31 -18.49 -2.25 -16.76
CA GLU A 31 -18.62 -1.04 -17.56
C GLU A 31 -17.47 -0.06 -17.31
N ARG A 32 -16.95 -0.03 -16.09
CA ARG A 32 -15.80 0.83 -15.78
C ARG A 32 -14.54 0.21 -16.40
N ALA A 33 -14.43 -1.11 -16.31
CA ALA A 33 -13.29 -1.81 -16.89
C ALA A 33 -13.19 -1.53 -18.38
N GLN A 34 -14.31 -1.66 -19.11
CA GLN A 34 -14.33 -1.38 -20.54
C GLN A 34 -13.92 0.05 -20.85
N ALA A 35 -14.44 1.00 -20.06
CA ALA A 35 -14.11 2.41 -20.21
C ALA A 35 -12.61 2.67 -20.09
N TYR A 36 -11.99 2.03 -19.11
CA TYR A 36 -10.56 2.22 -18.86
C TYR A 36 -9.70 1.59 -19.97
N ARG A 37 -10.21 0.53 -20.58
CA ARG A 37 -9.57 -0.11 -21.72
C ARG A 37 -9.70 0.81 -22.95
N ALA A 38 -10.90 1.34 -23.17
CA ALA A 38 -11.12 2.28 -24.27
C ALA A 38 -10.29 3.57 -24.16
N ALA A 39 -9.96 4.00 -22.93
CA ALA A 39 -9.24 5.27 -22.73
C ALA A 39 -7.72 5.08 -22.76
N GLY A 40 -7.26 3.84 -22.91
CA GLY A 40 -5.84 3.56 -22.96
C GLY A 40 -5.13 3.33 -21.62
N TYR A 41 -5.88 3.38 -20.52
CA TYR A 41 -5.30 3.09 -19.20
C TYR A 41 -4.91 1.60 -19.09
N TRP A 42 -5.90 0.75 -19.33
CA TRP A 42 -5.76 -0.71 -19.24
C TRP A 42 -5.33 -1.36 -20.56
N ARG A 43 -4.12 -1.90 -20.61
CA ARG A 43 -3.54 -2.33 -21.89
C ARG A 43 -3.42 -3.86 -22.06
N ASP A 44 -4.14 -4.60 -21.22
CA ASP A 44 -4.33 -6.04 -21.41
C ASP A 44 -3.07 -6.90 -21.27
N GLN A 45 -1.98 -6.29 -20.81
CA GLN A 45 -0.73 -7.02 -20.64
C GLN A 45 -0.41 -7.32 -19.16
N LEU A 46 0.16 -8.50 -18.93
CA LEU A 46 0.43 -8.97 -17.58
C LEU A 46 1.56 -8.18 -16.96
N LEU A 47 1.57 -8.09 -15.64
CA LEU A 47 2.59 -7.32 -14.94
C LEU A 47 4.00 -7.71 -15.35
N ASP A 48 4.28 -9.01 -15.47
CA ASP A 48 5.66 -9.43 -15.76
C ASP A 48 6.11 -8.97 -17.13
N SER A 49 5.19 -8.53 -17.97
CA SER A 49 5.53 -8.13 -19.34
C SER A 49 6.27 -6.81 -19.35
N VAL A 50 6.18 -6.07 -18.25
CA VAL A 50 6.95 -4.86 -18.12
C VAL A 50 8.45 -5.20 -18.27
N LEU A 51 8.91 -6.28 -17.66
CA LEU A 51 10.31 -6.69 -17.79
C LEU A 51 10.60 -7.24 -19.17
N ARG A 52 9.67 -8.05 -19.65
CA ARG A 52 9.78 -8.71 -20.95
C ARG A 52 9.92 -7.68 -22.06
N THR A 53 9.03 -6.70 -22.07
CA THR A 53 9.05 -5.69 -23.10
C THR A 53 10.30 -4.82 -23.00
N ALA A 54 10.66 -4.45 -21.77
CA ALA A 54 11.90 -3.73 -21.51
C ALA A 54 13.14 -4.52 -21.96
N ALA A 55 13.12 -5.82 -21.75
CA ALA A 55 14.22 -6.68 -22.15
C ALA A 55 14.36 -6.80 -23.68
N ARG A 56 13.25 -6.69 -24.42
CA ARG A 56 13.28 -6.69 -25.88
C ARG A 56 13.73 -5.34 -26.45
N THR A 57 13.43 -4.26 -25.72
CA THR A 57 13.69 -2.91 -26.22
C THR A 57 15.08 -2.40 -25.86
N TRP A 58 15.46 -2.58 -24.60
CA TRP A 58 16.73 -2.09 -24.10
C TRP A 58 17.53 -3.21 -23.49
N PRO A 59 17.88 -4.23 -24.30
CA PRO A 59 18.45 -5.49 -23.84
C PRO A 59 19.68 -5.26 -22.97
N ASP A 60 20.48 -4.27 -23.34
CA ASP A 60 21.80 -4.12 -22.74
C ASP A 60 21.94 -2.89 -21.82
N HIS A 61 20.86 -2.14 -21.66
CA HIS A 61 20.79 -1.11 -20.62
C HIS A 61 20.82 -1.78 -19.24
N ILE A 62 21.47 -1.14 -18.28
CA ILE A 62 21.47 -1.65 -16.92
C ILE A 62 20.07 -1.52 -16.33
N ALA A 63 19.53 -2.62 -15.80
CA ALA A 63 18.17 -2.59 -15.29
C ALA A 63 18.15 -2.28 -13.80
N VAL A 64 18.96 -3.01 -13.03
CA VAL A 64 18.96 -2.88 -11.59
C VAL A 64 20.42 -2.87 -11.07
N ILE A 65 20.67 -2.10 -10.00
CA ILE A 65 22.00 -2.04 -9.40
C ILE A 65 21.89 -2.11 -7.88
N ASP A 66 22.82 -2.81 -7.23
CA ASP A 66 23.00 -2.67 -5.78
C ASP A 66 24.50 -2.68 -5.50
N ALA A 67 24.85 -2.69 -4.22
CA ALA A 67 26.24 -2.55 -3.79
C ALA A 67 27.20 -3.50 -4.47
N ASP A 68 26.78 -4.75 -4.64
CA ASP A 68 27.68 -5.78 -5.14
C ASP A 68 27.35 -6.32 -6.52
N HIS A 69 26.12 -6.11 -6.98
CA HIS A 69 25.69 -6.64 -8.28
C HIS A 69 25.09 -5.58 -9.18
N ARG A 70 25.00 -5.91 -10.47
CA ARG A 70 24.24 -5.12 -11.41
C ARG A 70 23.82 -6.02 -12.57
N HIS A 71 22.58 -5.87 -13.03
CA HIS A 71 22.04 -6.67 -14.10
C HIS A 71 21.48 -5.81 -15.22
N THR A 72 21.82 -6.14 -16.47
CA THR A 72 21.19 -5.54 -17.63
C THR A 72 19.76 -6.11 -17.74
N TYR A 73 18.93 -5.47 -18.57
CA TYR A 73 17.56 -5.93 -18.77
C TYR A 73 17.50 -7.33 -19.36
N ALA A 74 18.46 -7.67 -20.21
CA ALA A 74 18.52 -9.01 -20.79
C ALA A 74 18.91 -10.05 -19.74
N GLU A 75 19.89 -9.71 -18.92
CA GLU A 75 20.32 -10.57 -17.83
C GLU A 75 19.24 -10.75 -16.77
N LEU A 76 18.50 -9.68 -16.46
CA LEU A 76 17.44 -9.75 -15.45
C LEU A 76 16.25 -10.59 -15.95
N ASP A 77 15.94 -10.45 -17.24
CA ASP A 77 14.86 -11.22 -17.87
C ASP A 77 15.08 -12.73 -17.78
N ARG A 78 16.33 -13.18 -17.92
CA ARG A 78 16.65 -14.61 -17.83
C ARG A 78 16.58 -15.09 -16.39
N LEU A 79 17.10 -14.27 -15.47
CA LEU A 79 17.08 -14.60 -14.06
C LEU A 79 15.66 -14.84 -13.56
N ALA A 80 14.74 -13.95 -13.93
CA ALA A 80 13.35 -14.10 -13.55
C ALA A 80 12.76 -15.38 -14.13
N ASP A 81 13.09 -15.66 -15.39
CA ASP A 81 12.65 -16.89 -16.06
C ASP A 81 13.13 -18.10 -15.28
N ARG A 82 14.42 -18.10 -14.95
CA ARG A 82 15.02 -19.21 -14.21
C ARG A 82 14.45 -19.32 -12.81
N ALA A 83 14.18 -18.18 -12.19
CA ALA A 83 13.65 -18.17 -10.85
C ALA A 83 12.23 -18.75 -10.89
N ALA A 84 11.53 -18.46 -11.98
CA ALA A 84 10.14 -18.90 -12.15
C ALA A 84 10.01 -20.42 -12.33
N ALA A 85 10.90 -21.01 -13.13
CA ALA A 85 10.96 -22.45 -13.30
C ALA A 85 11.25 -23.11 -11.96
N GLY A 86 12.23 -22.58 -11.22
CA GLY A 86 12.56 -23.09 -9.91
C GLY A 86 11.36 -23.10 -8.97
N ILE A 87 10.61 -21.99 -8.99
CA ILE A 87 9.45 -21.81 -8.11
C ILE A 87 8.33 -22.77 -8.48
N ALA A 88 8.02 -22.85 -9.78
CA ALA A 88 7.07 -23.84 -10.30
C ALA A 88 7.49 -25.26 -9.94
N GLY A 89 8.80 -25.47 -9.84
CA GLY A 89 9.38 -26.74 -9.47
C GLY A 89 9.10 -27.19 -8.05
N LEU A 90 8.75 -26.25 -7.16
CA LEU A 90 8.43 -26.61 -5.79
C LEU A 90 6.96 -26.97 -5.67
N GLY A 91 6.20 -26.72 -6.73
CA GLY A 91 4.78 -27.06 -6.72
C GLY A 91 3.88 -25.86 -6.48
N ILE A 92 4.49 -24.68 -6.43
CA ILE A 92 3.73 -23.43 -6.38
C ILE A 92 3.05 -23.20 -7.72
N ARG A 93 1.74 -22.98 -7.68
CA ARG A 93 0.91 -22.98 -8.88
C ARG A 93 0.30 -21.61 -9.12
N PRO A 94 -0.08 -21.30 -10.37
CA PRO A 94 -0.75 -20.03 -10.66
C PRO A 94 -1.85 -19.69 -9.65
N GLY A 95 -1.88 -18.44 -9.20
CA GLY A 95 -2.88 -17.98 -8.24
C GLY A 95 -2.46 -18.11 -6.79
N ASP A 96 -1.47 -18.97 -6.53
CA ASP A 96 -0.98 -19.17 -5.17
C ASP A 96 -0.35 -17.90 -4.63
N ARG A 97 -0.65 -17.56 -3.39
CA ARG A 97 -0.09 -16.34 -2.86
C ARG A 97 1.12 -16.67 -2.02
N VAL A 98 2.13 -15.82 -2.14
CA VAL A 98 3.43 -16.04 -1.54
C VAL A 98 3.83 -14.79 -0.76
N LEU A 99 4.08 -14.94 0.53
CA LEU A 99 4.51 -13.82 1.34
C LEU A 99 5.94 -13.46 1.00
N VAL A 100 6.19 -12.18 0.74
CA VAL A 100 7.54 -11.73 0.41
C VAL A 100 8.04 -10.61 1.35
N GLN A 101 9.23 -10.81 1.90
CA GLN A 101 9.85 -9.82 2.78
C GLN A 101 11.36 -9.77 2.53
N LEU A 102 11.78 -8.91 1.62
CA LEU A 102 13.17 -8.82 1.22
C LEU A 102 13.75 -7.40 1.37
N PRO A 103 15.03 -7.33 1.74
CA PRO A 103 15.79 -6.07 1.80
C PRO A 103 15.94 -5.42 0.42
N ASN A 104 16.41 -4.17 0.38
CA ASN A 104 16.66 -3.47 -0.89
C ASN A 104 17.91 -3.96 -1.59
N THR A 105 17.70 -4.96 -2.44
CA THR A 105 18.73 -5.71 -3.15
C THR A 105 18.27 -5.82 -4.60
N ALA A 106 19.20 -5.96 -5.54
CA ALA A 106 18.80 -6.26 -6.92
C ALA A 106 17.94 -7.52 -6.94
N GLU A 107 18.22 -8.42 -6.02
CA GLU A 107 17.50 -9.69 -5.92
C GLU A 107 15.99 -9.50 -5.68
N PHE A 108 15.61 -8.32 -5.20
CA PHE A 108 14.19 -8.01 -4.99
C PHE A 108 13.46 -8.08 -6.34
N ALA A 109 14.10 -7.55 -7.37
CA ALA A 109 13.56 -7.60 -8.73
C ALA A 109 13.53 -9.04 -9.27
N VAL A 110 14.55 -9.84 -8.94
CA VAL A 110 14.59 -11.24 -9.37
C VAL A 110 13.43 -12.02 -8.77
N ALA A 111 13.17 -11.80 -7.49
CA ALA A 111 12.03 -12.41 -6.81
C ALA A 111 10.66 -11.94 -7.34
N LEU A 112 10.50 -10.64 -7.56
CA LEU A 112 9.20 -10.12 -7.98
C LEU A 112 8.78 -10.73 -9.35
N PHE A 113 9.63 -10.61 -10.36
CA PHE A 113 9.26 -11.11 -11.69
C PHE A 113 9.37 -12.63 -11.76
N GLY A 114 10.29 -13.21 -10.99
CA GLY A 114 10.38 -14.64 -10.83
C GLY A 114 9.06 -15.20 -10.35
N LEU A 115 8.58 -14.64 -9.24
CA LEU A 115 7.27 -15.02 -8.71
C LEU A 115 6.13 -14.79 -9.70
N LEU A 116 6.11 -13.63 -10.36
CA LEU A 116 5.05 -13.29 -11.30
C LEU A 116 4.98 -14.26 -12.47
N ARG A 117 6.15 -14.69 -12.95
CA ARG A 117 6.22 -15.56 -14.12
C ARG A 117 5.84 -16.99 -13.77
N ALA A 118 5.86 -17.34 -12.48
CA ALA A 118 5.32 -18.62 -12.07
C ALA A 118 3.80 -18.50 -11.87
N GLY A 119 3.30 -17.28 -12.00
CA GLY A 119 1.88 -17.02 -11.86
C GLY A 119 1.47 -16.85 -10.41
N ALA A 120 2.47 -16.80 -9.52
CA ALA A 120 2.19 -16.61 -8.10
C ALA A 120 1.79 -15.16 -7.85
N VAL A 121 1.08 -14.95 -6.76
CA VAL A 121 0.60 -13.63 -6.42
C VAL A 121 1.32 -13.21 -5.16
N PRO A 122 2.41 -12.43 -5.31
CA PRO A 122 3.21 -12.03 -4.14
C PRO A 122 2.47 -11.05 -3.23
N VAL A 123 2.73 -11.20 -1.94
CA VAL A 123 2.25 -10.29 -0.91
C VAL A 123 3.44 -9.43 -0.46
N MET A 124 3.36 -8.14 -0.73
CA MET A 124 4.52 -7.28 -0.53
C MET A 124 4.62 -6.78 0.92
N CYS A 125 5.27 -7.59 1.77
CA CYS A 125 5.47 -7.23 3.16
C CYS A 125 6.62 -6.23 3.31
N LEU A 126 6.47 -5.33 4.29
CA LEU A 126 7.47 -4.34 4.64
C LEU A 126 8.40 -4.86 5.74
N PRO A 127 9.63 -4.33 5.83
CA PRO A 127 10.63 -4.87 6.76
C PRO A 127 10.27 -4.72 8.24
N GLY A 128 9.34 -3.82 8.56
CA GLY A 128 8.94 -3.58 9.93
C GLY A 128 7.83 -4.48 10.41
N HIS A 129 7.37 -5.37 9.52
CA HIS A 129 6.38 -6.38 9.89
C HIS A 129 7.03 -7.52 10.68
N ARG A 130 6.37 -7.95 11.75
CA ARG A 130 6.86 -9.07 12.56
C ARG A 130 5.86 -10.23 12.53
N LEU A 131 6.03 -11.18 13.46
CA LEU A 131 5.25 -12.42 13.43
C LEU A 131 3.75 -12.18 13.44
N ALA A 132 3.28 -11.26 14.26
CA ALA A 132 1.85 -11.01 14.31
C ALA A 132 1.30 -10.61 12.92
N GLU A 133 1.96 -9.64 12.28
CA GLU A 133 1.58 -9.20 10.92
C GLU A 133 1.61 -10.33 9.89
N LEU A 134 2.78 -10.95 9.76
CA LEU A 134 2.99 -12.01 8.78
C LEU A 134 2.00 -13.16 8.98
N THR A 135 1.72 -13.48 10.24
CA THR A 135 0.75 -14.54 10.57
C THR A 135 -0.64 -14.20 10.05
N HIS A 136 -1.10 -13.00 10.34
CA HIS A 136 -2.37 -12.51 9.84
C HIS A 136 -2.38 -12.43 8.31
N PHE A 137 -1.28 -11.97 7.70
CA PHE A 137 -1.17 -11.96 6.22
C PHE A 137 -1.30 -13.38 5.63
N ALA A 138 -0.59 -14.36 6.21
CA ALA A 138 -0.68 -15.76 5.77
C ALA A 138 -2.12 -16.27 5.79
N GLU A 139 -2.81 -16.00 6.90
CA GLU A 139 -4.22 -16.34 7.05
C GLU A 139 -5.12 -15.67 6.02
N VAL A 140 -4.91 -14.38 5.77
CA VAL A 140 -5.79 -13.66 4.84
C VAL A 140 -5.54 -14.11 3.39
N SER A 141 -4.28 -14.35 3.06
CA SER A 141 -3.88 -14.66 1.67
C SER A 141 -3.88 -16.14 1.33
N SER A 142 -4.00 -17.00 2.33
CA SER A 142 -3.82 -18.45 2.13
C SER A 142 -2.45 -18.72 1.50
N ALA A 143 -1.45 -17.95 1.91
CA ALA A 143 -0.09 -18.11 1.41
C ALA A 143 0.38 -19.55 1.50
N VAL A 144 1.12 -20.00 0.49
CA VAL A 144 1.63 -21.36 0.45
C VAL A 144 3.15 -21.36 0.66
N ALA A 145 3.74 -20.17 0.69
CA ALA A 145 5.18 -20.06 0.85
C ALA A 145 5.58 -18.70 1.41
N LEU A 146 6.87 -18.55 1.67
CA LEU A 146 7.42 -17.36 2.31
C LEU A 146 8.86 -17.15 1.86
N VAL A 147 9.15 -15.98 1.29
CA VAL A 147 10.52 -15.66 0.87
C VAL A 147 11.12 -14.63 1.83
N VAL A 148 12.28 -14.95 2.39
CA VAL A 148 12.96 -14.06 3.33
C VAL A 148 14.46 -14.03 3.11
N ALA A 149 15.11 -13.05 3.74
CA ALA A 149 16.57 -12.96 3.77
C ALA A 149 17.08 -13.01 5.21
N ASP A 150 18.34 -13.40 5.41
CA ASP A 150 18.85 -13.61 6.77
C ASP A 150 19.21 -12.30 7.48
N THR A 151 19.05 -11.17 6.79
CA THR A 151 19.23 -9.86 7.42
C THR A 151 18.04 -8.93 7.20
N HIS A 157 15.11 -13.98 11.20
CA HIS A 157 13.98 -14.21 10.31
C HIS A 157 13.66 -15.71 10.24
N ARG A 158 14.65 -16.53 10.52
CA ARG A 158 14.45 -17.96 10.49
C ARG A 158 13.56 -18.44 11.64
N ASP A 159 13.72 -17.86 12.83
CA ASP A 159 12.86 -18.20 13.97
C ASP A 159 11.43 -17.78 13.70
N LEU A 160 11.32 -16.73 12.89
CA LEU A 160 10.04 -16.20 12.42
C LEU A 160 9.34 -17.18 11.51
N ALA A 161 10.08 -17.69 10.53
CA ALA A 161 9.54 -18.65 9.60
C ALA A 161 9.07 -19.90 10.34
N ARG A 162 9.84 -20.31 11.36
CA ARG A 162 9.54 -21.52 12.13
C ARG A 162 8.23 -21.37 12.89
N GLU A 163 8.02 -20.26 13.56
CA GLU A 163 6.76 -20.08 14.27
C GLU A 163 5.60 -19.83 13.30
N LEU A 164 5.90 -19.29 12.11
CA LEU A 164 4.88 -19.05 11.09
C LEU A 164 4.27 -20.33 10.51
N VAL A 165 5.12 -21.27 10.10
CA VAL A 165 4.64 -22.51 9.52
C VAL A 165 3.96 -23.37 10.59
N ARG A 166 4.36 -23.21 11.85
CA ARG A 166 3.73 -23.97 12.92
C ARG A 166 2.25 -23.61 13.04
N SER A 167 1.95 -22.32 13.01
CA SER A 167 0.58 -21.84 13.11
C SER A 167 -0.16 -21.84 11.78
N HIS A 168 0.60 -21.89 10.68
CA HIS A 168 -0.01 -21.94 9.36
C HIS A 168 0.68 -22.97 8.48
N PRO A 169 0.25 -24.23 8.61
CA PRO A 169 0.86 -25.38 7.93
C PRO A 169 0.75 -25.27 6.42
N ASP A 170 -0.26 -24.56 5.93
CA ASP A 170 -0.43 -24.32 4.50
C ASP A 170 0.77 -23.62 3.86
N VAL A 171 1.54 -22.93 4.68
CA VAL A 171 2.79 -22.35 4.22
C VAL A 171 3.77 -23.49 4.13
N ARG A 172 3.79 -24.14 2.98
CA ARG A 172 4.51 -25.40 2.78
C ARG A 172 6.00 -25.19 2.49
N HIS A 173 6.35 -24.00 2.03
CA HIS A 173 7.73 -23.71 1.64
C HIS A 173 8.24 -22.43 2.26
N VAL A 174 9.46 -22.49 2.77
CA VAL A 174 10.18 -21.29 3.14
C VAL A 174 11.46 -21.19 2.31
N LEU A 175 11.63 -20.07 1.60
CA LEU A 175 12.82 -19.83 0.77
C LEU A 175 13.64 -18.70 1.35
N VAL A 176 14.87 -19.02 1.74
CA VAL A 176 15.73 -18.07 2.42
C VAL A 176 16.88 -17.62 1.52
N ASP A 177 16.94 -16.32 1.25
CA ASP A 177 18.09 -15.72 0.60
C ASP A 177 19.20 -15.57 1.65
N GLY A 178 20.09 -16.56 1.72
CA GLY A 178 21.10 -16.64 2.76
C GLY A 178 21.16 -18.02 3.42
N ASP A 179 21.53 -18.05 4.71
CA ASP A 179 21.66 -19.30 5.44
C ASP A 179 20.30 -19.91 5.69
N ALA A 180 19.94 -20.91 4.89
CA ALA A 180 18.59 -21.49 4.91
C ALA A 180 18.27 -22.29 6.18
N ALA A 181 19.31 -22.82 6.84
CA ALA A 181 19.13 -23.82 7.90
C ALA A 181 18.26 -24.99 7.40
N GLU A 182 17.13 -25.25 8.07
CA GLU A 182 16.26 -26.39 7.73
C GLU A 182 15.42 -26.15 6.48
N PHE A 183 15.40 -24.90 6.01
CA PHE A 183 14.54 -24.50 4.92
C PHE A 183 15.25 -24.55 3.58
N LEU A 184 14.56 -24.08 2.55
CA LEU A 184 15.08 -24.03 1.18
C LEU A 184 16.00 -22.81 0.97
N SER A 185 17.00 -22.97 0.10
CA SER A 185 17.89 -21.87 -0.25
C SER A 185 17.34 -21.16 -1.47
N TRP A 186 17.14 -19.85 -1.38
CA TRP A 186 16.62 -19.07 -2.49
C TRP A 186 17.56 -19.18 -3.70
N ALA A 187 18.86 -19.12 -3.42
CA ALA A 187 19.88 -19.25 -4.44
C ALA A 187 19.77 -20.59 -5.15
N GLU A 188 19.69 -21.66 -4.37
CA GLU A 188 19.59 -23.01 -4.92
C GLU A 188 18.36 -23.11 -5.83
N VAL A 189 17.21 -22.70 -5.30
CA VAL A 189 15.96 -22.93 -6.01
C VAL A 189 15.85 -22.10 -7.30
N THR A 190 16.32 -20.85 -7.27
CA THR A 190 16.13 -19.97 -8.41
C THR A 190 17.27 -20.01 -9.43
N ARG A 191 18.49 -20.19 -8.93
CA ARG A 191 19.63 -20.32 -9.84
C ARG A 191 19.91 -21.78 -10.09
N ALA A 192 20.43 -22.10 -11.27
CA ALA A 192 20.87 -23.45 -11.59
C ALA A 192 19.78 -24.50 -11.31
N ALA A 193 18.53 -24.07 -11.33
CA ALA A 193 17.42 -25.00 -11.26
C ALA A 193 16.75 -24.97 -12.61
N PRO A 194 17.04 -25.98 -13.44
CA PRO A 194 16.47 -26.07 -14.78
C PRO A 194 14.96 -26.20 -14.70
N GLY A 195 14.32 -26.00 -15.84
CA GLY A 195 12.88 -25.97 -15.91
C GLY A 195 12.58 -25.36 -17.26
N PRO A 196 11.29 -25.25 -17.60
CA PRO A 196 10.89 -24.75 -18.91
C PRO A 196 10.31 -23.35 -18.86
N VAL A 197 10.27 -22.76 -17.66
CA VAL A 197 9.48 -21.56 -17.37
C VAL A 197 8.01 -21.86 -17.60
N PRO A 198 7.23 -21.79 -16.52
CA PRO A 198 5.86 -22.31 -16.61
C PRO A 198 5.02 -21.47 -17.56
N GLU A 199 4.05 -22.12 -18.20
CA GLU A 199 3.11 -21.43 -19.06
C GLU A 199 1.88 -21.05 -18.26
N ILE A 200 1.64 -19.74 -18.10
CA ILE A 200 0.52 -19.25 -17.32
C ILE A 200 -0.38 -18.40 -18.20
N ALA A 201 -1.61 -18.16 -17.75
CA ALA A 201 -2.45 -17.21 -18.43
C ALA A 201 -3.46 -16.56 -17.48
N PRO A 202 -2.97 -15.79 -16.49
CA PRO A 202 -3.86 -15.08 -15.56
C PRO A 202 -4.78 -14.11 -16.28
N ASP A 203 -5.91 -13.82 -15.67
CA ASP A 203 -6.78 -12.74 -16.13
C ASP A 203 -6.08 -11.43 -15.76
N PRO A 204 -5.83 -10.56 -16.75
CA PRO A 204 -5.12 -9.32 -16.44
C PRO A 204 -5.97 -8.36 -15.57
N ALA A 205 -7.27 -8.58 -15.56
CA ALA A 205 -8.14 -7.84 -14.66
C ALA A 205 -8.30 -8.54 -13.29
N ALA A 206 -7.53 -9.61 -13.06
CA ALA A 206 -7.44 -10.29 -11.77
C ALA A 206 -6.19 -9.79 -11.04
N PRO A 207 -6.09 -10.03 -9.71
CA PRO A 207 -4.93 -9.59 -8.92
C PRO A 207 -3.59 -10.09 -9.46
N ALA A 208 -2.62 -9.18 -9.58
CA ALA A 208 -1.27 -9.55 -9.95
C ALA A 208 -0.47 -9.76 -8.67
N LEU A 209 -0.66 -8.85 -7.70
CA LEU A 209 0.02 -8.96 -6.41
C LEU A 209 -0.87 -8.37 -5.30
N LEU A 210 -0.50 -8.59 -4.04
CA LEU A 210 -1.20 -7.93 -2.93
C LEU A 210 -0.25 -6.94 -2.23
N LEU A 211 -0.68 -5.70 -2.10
CA LEU A 211 0.07 -4.75 -1.29
C LEU A 211 -0.47 -4.78 0.13
N VAL A 212 0.33 -4.26 1.05
CA VAL A 212 -0.06 -4.09 2.44
C VAL A 212 -0.55 -2.66 2.68
N SER A 213 -1.61 -2.54 3.47
CA SER A 213 -2.20 -1.26 3.83
C SER A 213 -1.52 -0.64 5.05
N GLY A 214 -1.09 0.62 4.94
CA GLY A 214 -0.45 1.28 6.05
C GLY A 214 -1.43 1.85 7.07
N GLY A 215 -2.21 0.98 7.70
CA GLY A 215 -3.30 1.42 8.54
C GLY A 215 -3.02 1.58 10.04
N THR A 216 -3.94 1.05 10.85
CA THR A 216 -3.89 1.22 12.30
C THR A 216 -3.95 -0.11 13.06
N THR A 217 -4.27 -0.02 14.36
CA THR A 217 -4.18 -1.14 15.29
C THR A 217 -5.51 -1.59 15.90
N GLY A 218 -6.37 -2.29 15.15
CA GLY A 218 -6.19 -2.52 13.72
C GLY A 218 -5.48 -3.79 13.32
N ALA A 219 -6.10 -4.54 12.42
CA ALA A 219 -5.41 -5.57 11.65
C ALA A 219 -5.03 -4.96 10.31
N PRO A 220 -3.75 -5.09 9.88
CA PRO A 220 -3.42 -4.58 8.56
C PRO A 220 -4.18 -5.34 7.48
N LYS A 221 -4.45 -4.68 6.37
CA LYS A 221 -5.25 -5.30 5.31
C LYS A 221 -4.40 -5.55 4.07
N LEU A 222 -4.87 -6.43 3.20
CA LEU A 222 -4.21 -6.70 1.94
C LEU A 222 -5.00 -6.05 0.80
N ILE A 223 -4.25 -5.42 -0.09
CA ILE A 223 -4.84 -4.65 -1.18
C ILE A 223 -4.52 -5.33 -2.50
N PRO A 224 -5.55 -5.80 -3.22
CA PRO A 224 -5.28 -6.47 -4.50
C PRO A 224 -5.10 -5.45 -5.62
N ARG A 225 -3.98 -5.55 -6.33
CA ARG A 225 -3.80 -4.69 -7.49
C ARG A 225 -3.81 -5.60 -8.69
N THR A 226 -4.65 -5.29 -9.65
CA THR A 226 -4.73 -6.12 -10.84
C THR A 226 -3.56 -5.82 -11.76
N HIS A 227 -3.32 -6.72 -12.71
CA HIS A 227 -2.30 -6.50 -13.74
C HIS A 227 -2.62 -5.20 -14.47
N GLN A 228 -3.88 -5.05 -14.86
CA GLN A 228 -4.32 -3.90 -15.62
C GLN A 228 -3.94 -2.59 -14.91
N ASP A 229 -4.25 -2.50 -13.61
CA ASP A 229 -4.20 -1.20 -12.99
C ASP A 229 -2.80 -0.91 -12.48
N TYR A 230 -2.02 -1.95 -12.19
CA TYR A 230 -0.69 -1.75 -11.65
C TYR A 230 0.30 -1.39 -12.77
N VAL A 231 0.12 -1.98 -13.95
CA VAL A 231 0.94 -1.59 -15.10
C VAL A 231 0.59 -0.15 -15.48
N TYR A 232 -0.70 0.16 -15.52
CA TYR A 232 -1.09 1.55 -15.71
C TYR A 232 -0.54 2.52 -14.65
N ASN A 233 -0.49 2.09 -13.39
CA ASN A 233 -0.13 2.96 -12.26
C ASN A 233 1.35 3.39 -12.48
N ALA A 234 2.19 2.41 -12.79
CA ALA A 234 3.62 2.63 -13.10
C ALA A 234 3.85 3.43 -14.39
N THR A 235 3.19 3.03 -15.47
CA THR A 235 3.39 3.65 -16.78
C THR A 235 2.98 5.13 -16.76
N ALA A 236 1.75 5.37 -16.34
CA ALA A 236 1.24 6.73 -16.24
C ALA A 236 2.10 7.58 -15.28
N SER A 237 2.58 6.99 -14.19
CA SER A 237 3.41 7.75 -13.23
C SER A 237 4.75 8.10 -13.81
N ALA A 238 5.32 7.14 -14.55
CA ALA A 238 6.62 7.35 -15.20
C ALA A 238 6.48 8.37 -16.35
N GLU A 239 5.34 8.35 -17.03
CA GLU A 239 5.08 9.37 -18.03
C GLU A 239 4.96 10.77 -17.39
N LEU A 240 4.26 10.84 -16.26
CA LEU A 240 4.03 12.12 -15.61
C LEU A 240 5.35 12.68 -15.09
N CYS A 241 6.19 11.80 -14.58
CA CYS A 241 7.48 12.22 -14.05
C CYS A 241 8.50 12.43 -15.14
N ARG A 242 8.10 12.13 -16.37
CA ARG A 242 8.94 12.35 -17.55
C ARG A 242 10.22 11.49 -17.52
N LEU A 243 10.12 10.28 -16.98
CA LEU A 243 11.25 9.35 -16.92
C LEU A 243 11.70 8.93 -18.33
N THR A 244 13.00 8.88 -18.55
CA THR A 244 13.54 8.35 -19.81
C THR A 244 14.56 7.26 -19.51
N ALA A 245 15.03 6.57 -20.54
CA ALA A 245 16.07 5.55 -20.38
C ALA A 245 17.35 6.10 -19.76
N ASP A 246 17.48 7.42 -19.69
CA ASP A 246 18.65 8.07 -19.11
C ASP A 246 18.52 8.28 -17.59
N ASP A 247 17.31 8.17 -17.05
CA ASP A 247 17.15 8.39 -15.61
C ASP A 247 17.74 7.23 -14.81
N VAL A 248 18.21 7.54 -13.61
CA VAL A 248 18.71 6.56 -12.67
C VAL A 248 17.97 6.76 -11.35
N TYR A 249 17.02 5.88 -11.05
CA TYR A 249 16.17 6.03 -9.86
C TYR A 249 16.73 5.28 -8.65
N LEU A 250 16.81 5.96 -7.52
CA LEU A 250 17.37 5.37 -6.31
C LEU A 250 16.25 4.95 -5.38
N VAL A 251 16.19 3.65 -5.11
CA VAL A 251 15.19 3.08 -4.20
C VAL A 251 15.71 3.23 -2.78
N ALA A 252 15.23 4.26 -2.10
CA ALA A 252 15.70 4.56 -0.75
C ALA A 252 14.72 4.08 0.31
N LEU A 253 13.43 4.08 -0.04
CA LEU A 253 12.38 3.53 0.81
C LEU A 253 12.32 1.99 0.65
N PRO A 254 11.62 1.28 1.55
CA PRO A 254 11.51 -0.18 1.39
C PRO A 254 10.86 -0.57 0.06
N ALA A 255 11.58 -1.34 -0.74
CA ALA A 255 11.19 -1.62 -2.12
C ALA A 255 9.78 -2.18 -2.28
N ALA A 256 9.23 -2.80 -1.25
CA ALA A 256 7.94 -3.47 -1.40
C ALA A 256 6.78 -2.51 -1.22
N HIS A 257 7.07 -1.31 -0.73
CA HIS A 257 6.02 -0.32 -0.56
C HIS A 257 5.60 0.24 -1.92
N ASN A 258 4.29 0.45 -2.09
CA ASN A 258 3.73 1.03 -3.31
C ASN A 258 4.55 2.20 -3.87
N PHE A 259 5.01 3.08 -2.98
CA PHE A 259 5.60 4.34 -3.41
C PHE A 259 6.89 4.12 -4.22
N PRO A 260 7.93 3.41 -3.67
CA PRO A 260 9.07 3.15 -4.56
C PRO A 260 8.91 1.94 -5.47
N LEU A 261 7.79 1.24 -5.37
CA LEU A 261 7.57 0.10 -6.25
C LEU A 261 6.97 0.52 -7.60
N ALA A 262 6.02 1.46 -7.60
CA ALA A 262 5.32 1.81 -8.83
C ALA A 262 4.88 3.26 -8.98
N CYS A 263 5.39 4.17 -8.16
CA CYS A 263 4.89 5.54 -8.21
C CYS A 263 5.92 6.65 -8.47
N PRO A 264 6.72 6.57 -9.56
CA PRO A 264 6.83 5.52 -10.58
C PRO A 264 7.68 4.35 -10.13
N GLY A 265 8.65 4.57 -9.25
CA GLY A 265 9.42 3.50 -8.65
C GLY A 265 10.16 2.61 -9.63
N LEU A 266 10.54 1.43 -9.17
CA LEU A 266 11.21 0.40 -9.97
C LEU A 266 10.45 0.04 -11.25
N LEU A 267 9.16 -0.22 -11.13
CA LEU A 267 8.35 -0.61 -12.28
C LEU A 267 8.17 0.48 -13.32
N GLY A 268 7.87 1.68 -12.87
CA GLY A 268 7.73 2.79 -13.79
C GLY A 268 9.06 3.00 -14.47
N ALA A 269 10.14 2.99 -13.69
CA ALA A 269 11.48 3.07 -14.25
C ALA A 269 11.68 1.98 -15.32
N MET A 270 11.17 0.77 -15.08
CA MET A 270 11.37 -0.31 -16.04
C MET A 270 10.54 -0.14 -17.31
N THR A 271 9.44 0.60 -17.23
CA THR A 271 8.66 0.84 -18.43
C THR A 271 9.35 1.74 -19.44
N VAL A 272 10.36 2.52 -19.00
CA VAL A 272 11.11 3.39 -19.92
C VAL A 272 12.57 2.98 -20.13
N GLY A 273 12.95 1.81 -19.63
CA GLY A 273 14.32 1.35 -19.78
C GLY A 273 15.36 2.14 -18.99
N ALA A 274 14.91 2.76 -17.90
CA ALA A 274 15.81 3.46 -16.99
C ALA A 274 16.52 2.52 -16.01
N THR A 275 17.56 3.01 -15.35
CA THR A 275 18.28 2.22 -14.35
C THR A 275 17.68 2.42 -12.96
N THR A 276 17.58 1.35 -12.19
CA THR A 276 17.15 1.44 -10.80
C THR A 276 18.28 1.00 -9.87
N VAL A 277 18.55 1.79 -8.85
CA VAL A 277 19.58 1.50 -7.85
C VAL A 277 18.99 1.27 -6.47
N PHE A 278 19.22 0.08 -5.91
CA PHE A 278 18.77 -0.25 -4.55
C PHE A 278 19.82 0.15 -3.51
N THR A 279 19.36 0.65 -2.35
CA THR A 279 20.28 0.92 -1.25
C THR A 279 19.70 0.50 0.08
N THR A 280 20.59 0.07 0.95
CA THR A 280 20.27 -0.43 2.28
C THR A 280 20.32 0.71 3.27
N ASP A 281 21.04 1.76 2.87
CA ASP A 281 21.28 2.88 3.75
C ASP A 281 20.97 4.20 3.07
N PRO A 282 19.77 4.74 3.34
CA PRO A 282 19.30 6.02 2.81
C PRO A 282 19.73 7.21 3.70
N SER A 283 20.63 6.98 4.65
CA SER A 283 21.24 8.09 5.41
C SER A 283 22.09 8.97 4.48
N PRO A 284 22.19 10.28 4.78
CA PRO A 284 22.80 11.28 3.90
C PRO A 284 24.16 10.88 3.31
N GLU A 285 25.10 10.48 4.17
CA GLU A 285 26.47 10.17 3.74
C GLU A 285 26.50 9.04 2.71
N ALA A 286 25.78 7.96 3.01
CA ALA A 286 25.71 6.80 2.12
C ALA A 286 24.92 7.11 0.85
N ALA A 287 23.82 7.85 0.99
CA ALA A 287 22.99 8.18 -0.17
C ALA A 287 23.70 9.16 -1.13
N PHE A 288 24.28 10.24 -0.58
CA PHE A 288 25.06 11.19 -1.39
C PHE A 288 26.17 10.47 -2.15
N ALA A 289 26.73 9.44 -1.51
CA ALA A 289 27.77 8.62 -2.11
C ALA A 289 27.23 7.82 -3.29
N ALA A 290 26.09 7.16 -3.09
CA ALA A 290 25.42 6.37 -4.13
C ALA A 290 24.98 7.22 -5.33
N ILE A 291 24.47 8.42 -5.04
CA ILE A 291 24.02 9.33 -6.09
C ILE A 291 25.17 9.78 -6.97
N ASP A 292 26.30 10.11 -6.37
CA ASP A 292 27.41 10.59 -7.18
C ASP A 292 27.96 9.42 -8.00
N GLU A 293 28.11 8.25 -7.36
CA GLU A 293 28.67 7.09 -8.04
C GLU A 293 27.81 6.59 -9.22
N HIS A 294 26.50 6.49 -9.05
CA HIS A 294 25.66 5.91 -10.11
C HIS A 294 24.97 6.98 -10.96
N GLY A 295 25.26 8.24 -10.68
CA GLY A 295 24.67 9.33 -11.43
C GLY A 295 23.15 9.35 -11.28
N VAL A 296 22.69 9.17 -10.05
CA VAL A 296 21.26 9.15 -9.75
C VAL A 296 20.56 10.45 -10.15
N THR A 297 19.42 10.33 -10.85
CA THR A 297 18.67 11.51 -11.24
C THR A 297 17.35 11.66 -10.48
N ALA A 298 16.92 10.59 -9.81
CA ALA A 298 15.59 10.57 -9.20
C ALA A 298 15.56 9.70 -7.97
N THR A 299 14.78 10.11 -6.96
CA THR A 299 14.55 9.27 -5.81
C THR A 299 13.28 9.67 -5.09
N ALA A 300 12.83 8.84 -4.17
CA ALA A 300 11.65 9.14 -3.40
C ALA A 300 11.99 9.01 -1.92
N LEU A 301 11.53 9.98 -1.14
CA LEU A 301 11.77 10.01 0.31
C LEU A 301 10.51 10.39 1.06
N VAL A 302 10.60 10.35 2.38
CA VAL A 302 9.53 10.76 3.26
C VAL A 302 10.00 12.12 3.81
N PRO A 303 9.07 12.97 4.30
CA PRO A 303 9.50 14.31 4.73
C PRO A 303 10.60 14.34 5.81
N ALA A 304 10.52 13.49 6.83
CA ALA A 304 11.58 13.43 7.85
C ALA A 304 12.95 13.21 7.22
N LEU A 305 13.02 12.33 6.22
CA LEU A 305 14.30 11.98 5.62
C LEU A 305 14.75 13.01 4.61
N ALA A 306 13.80 13.63 3.91
CA ALA A 306 14.13 14.70 2.98
C ALA A 306 14.75 15.88 3.74
N LYS A 307 14.18 16.20 4.90
CA LYS A 307 14.66 17.30 5.72
C LYS A 307 16.05 17.01 6.27
N LEU A 308 16.27 15.78 6.72
CA LEU A 308 17.57 15.35 7.19
C LEU A 308 18.65 15.49 6.10
N TRP A 309 18.37 15.04 4.87
CA TRP A 309 19.33 15.18 3.76
C TRP A 309 19.67 16.62 3.46
N ALA A 310 18.67 17.49 3.51
CA ALA A 310 18.82 18.90 3.21
C ALA A 310 19.79 19.58 4.18
N GLN A 311 19.58 19.34 5.48
CA GLN A 311 20.46 19.92 6.47
C GLN A 311 21.73 19.09 6.61
N ALA A 312 22.04 18.30 5.60
CA ALA A 312 23.29 17.55 5.53
C ALA A 312 24.20 18.21 4.52
N CYS A 313 23.57 18.99 3.64
CA CYS A 313 24.31 19.76 2.64
C CYS A 313 24.65 21.15 3.17
N LYS A 321 24.16 19.50 -10.31
CA LYS A 321 24.38 18.12 -9.89
C LYS A 321 23.58 17.23 -10.83
N THR A 322 23.28 16.01 -10.41
CA THR A 322 22.65 15.06 -11.32
C THR A 322 21.17 14.86 -10.99
N LEU A 323 20.83 15.01 -9.71
CA LEU A 323 19.45 14.87 -9.24
C LEU A 323 18.53 15.92 -9.90
N ARG A 324 17.34 15.51 -10.28
CA ARG A 324 16.42 16.39 -10.99
C ARG A 324 15.00 16.22 -10.49
N LEU A 325 14.74 15.07 -9.86
CA LEU A 325 13.42 14.77 -9.31
C LEU A 325 13.58 14.16 -7.93
N LEU A 326 13.18 14.93 -6.93
CA LEU A 326 13.04 14.43 -5.56
C LEU A 326 11.57 14.41 -5.19
N GLN A 327 11.00 13.20 -5.18
CA GLN A 327 9.62 13.03 -4.73
C GLN A 327 9.61 12.96 -3.22
N VAL A 328 8.59 13.55 -2.61
CA VAL A 328 8.39 13.43 -1.17
C VAL A 328 6.93 13.10 -0.87
N GLY A 329 6.72 12.01 -0.16
CA GLY A 329 5.39 11.51 0.15
C GLY A 329 5.42 10.70 1.42
N GLY A 330 4.31 10.09 1.79
CA GLY A 330 4.25 9.26 2.96
C GLY A 330 3.78 9.94 4.21
N ALA A 331 3.68 11.27 4.16
CA ALA A 331 3.23 12.12 5.27
C ALA A 331 3.34 13.54 4.73
N LYS A 332 2.75 14.53 5.40
CA LYS A 332 2.70 15.86 4.78
C LYS A 332 4.00 16.66 4.92
N LEU A 333 4.56 17.08 3.79
CA LEU A 333 5.70 17.97 3.83
C LEU A 333 5.21 19.38 4.17
N ALA A 334 5.64 19.88 5.32
CA ALA A 334 5.33 21.25 5.71
C ALA A 334 6.02 22.22 4.73
N ALA A 335 5.35 23.32 4.41
CA ALA A 335 5.87 24.24 3.40
C ALA A 335 7.26 24.85 3.72
N PRO A 336 7.51 25.25 4.99
CA PRO A 336 8.89 25.62 5.31
C PRO A 336 9.91 24.50 5.01
N ASP A 337 9.55 23.26 5.29
CA ASP A 337 10.46 22.14 4.99
C ASP A 337 10.57 21.92 3.48
N ALA A 338 9.48 22.13 2.76
CA ALA A 338 9.54 22.13 1.29
C ALA A 338 10.52 23.19 0.82
N ALA A 339 10.47 24.35 1.48
CA ALA A 339 11.37 25.45 1.14
C ALA A 339 12.81 25.02 1.31
N LEU A 340 13.09 24.43 2.48
CA LEU A 340 14.45 23.96 2.80
C LEU A 340 14.93 22.97 1.76
N VAL A 341 14.07 22.02 1.45
CA VAL A 341 14.41 20.97 0.51
C VAL A 341 14.78 21.51 -0.86
N ARG A 342 14.01 22.46 -1.41
CA ARG A 342 14.40 22.90 -2.73
C ARG A 342 15.23 24.18 -2.73
N GLY A 343 15.87 24.45 -1.60
CA GLY A 343 16.91 25.47 -1.58
C GLY A 343 18.24 24.80 -1.30
N ALA A 344 18.18 23.62 -0.68
CA ALA A 344 19.37 22.93 -0.24
C ALA A 344 19.64 21.63 -1.01
N LEU A 345 18.61 21.07 -1.64
CA LEU A 345 18.76 19.78 -2.33
C LEU A 345 18.57 19.85 -3.84
N THR A 346 17.41 20.33 -4.27
CA THR A 346 17.04 20.40 -5.68
C THR A 346 15.71 21.14 -5.81
N PRO A 347 15.61 22.06 -6.79
CA PRO A 347 14.32 22.73 -7.02
C PRO A 347 13.29 21.72 -7.55
N GLY A 348 13.79 20.58 -8.02
CA GLY A 348 12.98 19.55 -8.65
C GLY A 348 12.21 18.69 -7.66
N LEU A 349 11.64 19.33 -6.65
CA LEU A 349 10.79 18.69 -5.68
C LEU A 349 9.48 18.31 -6.34
N GLN A 350 8.97 17.13 -6.02
CA GLN A 350 7.61 16.78 -6.38
C GLN A 350 6.90 16.26 -5.15
N GLN A 351 5.75 16.83 -4.82
CA GLN A 351 4.98 16.32 -3.70
C GLN A 351 4.06 15.23 -4.19
N VAL A 352 4.01 14.14 -3.43
CA VAL A 352 3.17 13.00 -3.75
C VAL A 352 2.27 12.64 -2.57
N PHE A 353 0.97 12.71 -2.76
CA PHE A 353 0.02 12.24 -1.77
C PHE A 353 -0.72 11.07 -2.37
N GLY A 354 -0.33 9.87 -1.92
CA GLY A 354 -0.85 8.62 -2.45
C GLY A 354 -1.07 7.57 -1.38
N MET A 355 -1.66 6.45 -1.79
CA MET A 355 -2.00 5.40 -0.86
C MET A 355 -1.97 4.08 -1.62
N ALA A 356 -1.56 3.03 -0.93
CA ALA A 356 -1.48 1.70 -1.53
C ALA A 356 -2.80 1.26 -2.17
N GLU A 357 -3.90 1.76 -1.62
CA GLU A 357 -5.24 1.46 -2.10
C GLU A 357 -5.53 1.95 -3.53
N GLY A 358 -4.74 2.90 -4.02
CA GLY A 358 -5.04 3.48 -5.32
C GLY A 358 -4.61 4.91 -5.50
N LEU A 359 -5.56 5.84 -5.36
CA LEU A 359 -5.40 7.26 -5.75
C LEU A 359 -4.02 7.86 -5.52
N LEU A 360 -3.44 8.40 -6.60
CA LEU A 360 -2.17 9.11 -6.49
C LEU A 360 -2.36 10.58 -6.88
N ASN A 361 -1.86 11.47 -6.03
CA ASN A 361 -1.83 12.90 -6.31
C ASN A 361 -0.38 13.35 -6.42
N TYR A 362 -0.05 13.94 -7.56
CA TYR A 362 1.31 14.46 -7.82
C TYR A 362 1.24 15.92 -8.17
N THR A 363 2.29 16.65 -7.82
CA THR A 363 2.56 17.90 -8.49
C THR A 363 3.19 17.55 -9.84
N ARG A 364 2.96 18.38 -10.85
CA ARG A 364 3.52 18.10 -12.17
C ARG A 364 4.92 18.69 -12.29
N ILE A 365 5.69 18.21 -13.27
CA ILE A 365 7.13 18.52 -13.35
C ILE A 365 7.42 20.01 -13.59
N GLY A 366 6.66 20.68 -14.42
CA GLY A 366 6.92 22.11 -14.59
C GLY A 366 6.30 23.07 -13.59
N ASP A 367 5.61 22.56 -12.57
CA ASP A 367 4.74 23.39 -11.72
C ASP A 367 5.47 24.49 -10.96
N PRO A 368 4.82 25.66 -10.81
CA PRO A 368 5.35 26.82 -10.08
C PRO A 368 5.74 26.49 -8.65
N PRO A 369 6.79 27.15 -8.14
CA PRO A 369 7.32 26.88 -6.80
C PRO A 369 6.26 26.93 -5.68
N GLU A 370 5.27 27.82 -5.79
CA GLU A 370 4.24 27.90 -4.77
C GLU A 370 3.37 26.64 -4.75
N VAL A 371 3.27 26.00 -5.91
CA VAL A 371 2.51 24.75 -6.02
C VAL A 371 3.33 23.57 -5.47
N LEU A 372 4.64 23.56 -5.75
CA LEU A 372 5.53 22.53 -5.22
C LEU A 372 5.62 22.58 -3.69
N GLU A 373 5.49 23.77 -3.13
CA GLU A 373 5.79 23.96 -1.72
C GLU A 373 4.53 24.01 -0.85
N ASN A 374 3.37 24.30 -1.43
CA ASN A 374 2.18 24.42 -0.60
C ASN A 374 1.03 23.48 -0.94
N THR A 375 1.24 22.56 -1.87
CA THR A 375 0.19 21.61 -2.23
C THR A 375 0.69 20.17 -2.14
N GLN A 376 -0.24 19.22 -2.08
CA GLN A 376 0.14 17.81 -2.20
C GLN A 376 -0.36 17.25 -3.56
N GLY A 377 -0.30 18.07 -4.61
CA GLY A 377 -0.56 17.61 -5.96
C GLY A 377 -2.02 17.51 -6.41
N ARG A 378 -2.26 16.79 -7.50
CA ARG A 378 -3.62 16.56 -7.98
C ARG A 378 -3.60 15.20 -8.69
N PRO A 379 -4.80 14.60 -8.93
CA PRO A 379 -4.86 13.19 -9.38
C PRO A 379 -4.10 12.85 -10.68
N LEU A 380 -3.58 11.63 -10.68
CA LEU A 380 -2.74 11.12 -11.75
C LEU A 380 -3.50 10.93 -13.05
N SER A 381 -4.72 10.42 -12.91
CA SER A 381 -5.54 10.06 -14.05
C SER A 381 -6.70 11.04 -14.21
N PRO A 382 -7.01 11.37 -15.46
CA PRO A 382 -8.21 12.13 -15.83
C PRO A 382 -9.49 11.50 -15.30
N ASP A 383 -9.50 10.17 -15.16
CA ASP A 383 -10.70 9.50 -14.72
C ASP A 383 -10.62 9.05 -13.26
N ASP A 384 -9.70 9.65 -12.51
CA ASP A 384 -9.74 9.57 -11.04
C ASP A 384 -10.83 10.48 -10.56
N GLU A 385 -11.75 9.92 -9.78
CA GLU A 385 -12.89 10.65 -9.24
C GLU A 385 -12.72 10.92 -7.75
N ILE A 386 -12.62 12.20 -7.37
CA ILE A 386 -12.52 12.46 -5.94
C ILE A 386 -13.75 13.19 -5.43
N ARG A 387 -14.20 12.75 -4.26
CA ARG A 387 -15.22 13.44 -3.52
C ARG A 387 -14.63 13.91 -2.19
N ILE A 388 -14.90 15.17 -1.84
CA ILE A 388 -14.54 15.69 -0.55
C ILE A 388 -15.85 15.94 0.20
N VAL A 389 -16.11 15.14 1.24
CA VAL A 389 -17.44 15.14 1.87
C VAL A 389 -17.43 15.55 3.33
N ASP A 390 -18.59 15.94 3.85
CA ASP A 390 -18.73 16.26 5.27
C ASP A 390 -19.15 15.04 6.08
N GLU A 391 -19.43 15.28 7.36
CA GLU A 391 -19.69 14.22 8.32
C GLU A 391 -21.08 13.61 8.10
N VAL A 392 -21.93 14.35 7.41
CA VAL A 392 -23.21 13.81 6.99
C VAL A 392 -23.04 12.92 5.75
N GLY A 393 -22.11 13.29 4.87
CA GLY A 393 -21.86 12.54 3.65
C GLY A 393 -22.08 13.38 2.39
N ASN A 394 -22.14 14.69 2.54
CA ASN A 394 -22.44 15.56 1.41
C ASN A 394 -21.20 16.22 0.81
N GLU A 395 -21.27 16.57 -0.47
CA GLU A 395 -20.16 17.25 -1.12
C GLU A 395 -19.95 18.63 -0.49
N VAL A 396 -18.77 18.85 0.08
CA VAL A 396 -18.47 20.12 0.73
C VAL A 396 -18.34 21.22 -0.32
N PRO A 397 -18.55 22.48 0.11
CA PRO A 397 -18.29 23.61 -0.78
C PRO A 397 -16.84 23.67 -1.24
N PRO A 398 -16.61 24.01 -2.50
CA PRO A 398 -15.29 24.15 -3.10
C PRO A 398 -14.34 24.98 -2.23
N GLY A 399 -13.27 24.35 -1.75
CA GLY A 399 -12.31 25.03 -0.92
C GLY A 399 -12.41 24.65 0.55
N ALA A 400 -13.51 24.03 0.93
CA ALA A 400 -13.70 23.57 2.31
C ALA A 400 -13.05 22.20 2.54
N GLU A 401 -12.76 21.89 3.81
CA GLU A 401 -12.20 20.61 4.23
C GLU A 401 -13.26 19.53 4.39
N GLY A 402 -12.92 18.31 3.98
CA GLY A 402 -13.81 17.17 4.22
C GLY A 402 -13.06 15.86 4.20
N GLU A 403 -13.78 14.75 4.20
CA GLU A 403 -13.12 13.49 4.03
C GLU A 403 -12.97 13.17 2.54
N LEU A 404 -11.78 12.73 2.15
CA LEU A 404 -11.51 12.32 0.79
C LEU A 404 -12.06 10.91 0.48
N LEU A 405 -12.86 10.82 -0.57
CA LEU A 405 -13.35 9.55 -1.10
C LEU A 405 -12.86 9.42 -2.54
N VAL A 406 -12.52 8.22 -2.98
CA VAL A 406 -11.93 8.06 -4.30
C VAL A 406 -12.37 6.79 -5.02
N ARG A 407 -12.45 6.91 -6.34
CA ARG A 407 -12.73 5.80 -7.22
C ARG A 407 -12.05 6.11 -8.55
N GLY A 408 -11.45 5.09 -9.17
CA GLY A 408 -10.79 5.28 -10.44
C GLY A 408 -10.07 4.06 -10.99
N PRO A 409 -9.34 4.25 -12.10
CA PRO A 409 -8.77 3.17 -12.90
C PRO A 409 -7.70 2.31 -12.20
N TYR A 410 -7.30 2.68 -10.99
CA TYR A 410 -6.33 1.85 -10.27
C TYR A 410 -6.60 1.86 -8.76
N THR A 411 -7.82 2.23 -8.36
CA THR A 411 -8.24 2.24 -6.96
C THR A 411 -9.09 1.01 -6.65
N LEU A 412 -8.76 0.31 -5.56
CA LEU A 412 -9.39 -0.97 -5.26
C LEU A 412 -10.90 -0.85 -4.98
N ASN A 413 -11.61 -1.94 -5.22
CA ASN A 413 -13.04 -1.99 -5.03
C ASN A 413 -13.39 -2.81 -3.80
N GLY A 414 -12.37 -3.42 -3.20
CA GLY A 414 -12.46 -4.03 -1.89
C GLY A 414 -11.10 -4.55 -1.47
N TYR A 415 -10.87 -4.65 -0.16
CA TYR A 415 -9.69 -5.33 0.34
C TYR A 415 -9.81 -6.83 0.03
N PHE A 416 -8.68 -7.53 0.07
CA PHE A 416 -8.68 -8.95 -0.28
C PHE A 416 -9.13 -9.81 0.89
N ASN A 417 -10.15 -10.65 0.65
CA ASN A 417 -10.62 -11.59 1.67
C ASN A 417 -10.88 -10.87 2.99
N ALA A 418 -11.73 -9.85 2.94
CA ALA A 418 -11.97 -9.00 4.11
C ALA A 418 -13.36 -8.39 4.03
N GLU A 419 -14.37 -9.27 3.98
CA GLU A 419 -15.76 -8.86 3.75
C GLU A 419 -16.28 -7.85 4.78
N ALA A 420 -15.96 -8.05 6.07
CA ALA A 420 -16.36 -7.10 7.10
C ALA A 420 -15.68 -5.73 6.89
N ALA A 421 -14.38 -5.73 6.61
CA ALA A 421 -13.68 -4.46 6.33
C ALA A 421 -14.24 -3.76 5.09
N ASN A 422 -14.69 -4.54 4.10
CA ASN A 422 -15.24 -3.93 2.90
C ASN A 422 -16.57 -3.24 3.12
N GLU A 423 -17.49 -3.87 3.85
CA GLU A 423 -18.74 -3.21 4.24
C GLU A 423 -18.47 -1.88 4.91
N ARG A 424 -17.40 -1.85 5.68
CA ARG A 424 -17.08 -0.70 6.54
C ARG A 424 -16.32 0.42 5.81
N SER A 425 -15.46 0.04 4.87
CA SER A 425 -14.50 0.96 4.27
C SER A 425 -14.91 1.58 2.92
N PHE A 426 -16.02 1.14 2.34
CA PHE A 426 -16.44 1.64 1.04
C PHE A 426 -17.87 2.21 1.03
N SER A 427 -17.99 3.37 0.39
CA SER A 427 -19.23 3.92 -0.18
C SER A 427 -20.15 2.88 -0.85
N PRO A 428 -21.48 3.10 -0.82
CA PRO A 428 -22.36 2.18 -1.56
C PRO A 428 -22.13 2.26 -3.07
N ASP A 429 -21.71 3.43 -3.56
CA ASP A 429 -21.35 3.62 -4.96
C ASP A 429 -20.06 2.94 -5.33
N GLY A 430 -19.24 2.63 -4.32
CA GLY A 430 -17.97 2.00 -4.54
C GLY A 430 -16.78 2.95 -4.49
N PHE A 431 -16.94 4.08 -3.80
CA PHE A 431 -15.81 4.96 -3.50
C PHE A 431 -15.10 4.45 -2.24
N TYR A 432 -13.77 4.43 -2.28
CA TYR A 432 -12.98 4.12 -1.09
C TYR A 432 -12.95 5.34 -0.16
N ARG A 433 -13.23 5.14 1.13
CA ARG A 433 -13.09 6.22 2.13
C ARG A 433 -11.70 6.25 2.77
N SER A 434 -10.93 7.28 2.46
CA SER A 434 -9.51 7.30 2.78
CA SER A 434 -9.51 7.34 2.78
C SER A 434 -9.20 7.63 4.24
N GLY A 435 -10.12 8.32 4.90
CA GLY A 435 -9.90 8.73 6.28
C GLY A 435 -9.04 9.98 6.34
N ASP A 436 -8.66 10.50 5.18
CA ASP A 436 -7.84 11.72 5.10
C ASP A 436 -8.71 12.98 5.03
N ARG A 437 -8.34 14.00 5.79
CA ARG A 437 -9.01 15.29 5.75
C ARG A 437 -8.24 16.14 4.75
N VAL A 438 -8.92 16.64 3.72
CA VAL A 438 -8.26 17.42 2.67
C VAL A 438 -9.13 18.59 2.20
N ARG A 439 -8.53 19.54 1.50
CA ARG A 439 -9.31 20.52 0.77
C ARG A 439 -8.69 20.67 -0.60
N ARG A 440 -9.53 20.93 -1.59
CA ARG A 440 -9.08 21.25 -2.94
C ARG A 440 -9.32 22.72 -3.15
N PHE A 441 -8.26 23.48 -3.35
CA PHE A 441 -8.37 24.92 -3.57
C PHE A 441 -9.24 25.21 -4.80
N ALA A 442 -10.19 26.12 -4.65
CA ALA A 442 -11.12 26.43 -5.76
C ALA A 442 -10.71 27.71 -6.51
N ASP A 443 -9.79 28.47 -5.92
CA ASP A 443 -9.43 29.79 -6.43
C ASP A 443 -7.94 30.06 -6.10
N GLY A 444 -7.36 31.08 -6.73
CA GLY A 444 -5.97 31.43 -6.51
C GLY A 444 -5.01 30.67 -7.40
N PRO A 445 -3.70 30.82 -7.14
CA PRO A 445 -2.64 30.13 -7.91
C PRO A 445 -2.52 28.65 -7.57
N LEU A 446 -3.12 28.23 -6.45
CA LEU A 446 -3.11 26.82 -6.04
C LEU A 446 -4.39 26.11 -6.45
N ALA A 447 -5.17 26.77 -7.31
CA ALA A 447 -6.46 26.23 -7.76
C ALA A 447 -6.29 24.88 -8.46
N GLY A 448 -7.15 23.92 -8.12
CA GLY A 448 -7.09 22.59 -8.73
C GLY A 448 -6.31 21.60 -7.89
N TYR A 449 -5.52 22.12 -6.94
CA TYR A 449 -4.65 21.26 -6.17
C TYR A 449 -5.22 20.94 -4.79
N LEU A 450 -4.74 19.83 -4.25
CA LEU A 450 -5.15 19.35 -2.93
C LEU A 450 -4.25 19.85 -1.82
N GLU A 451 -4.82 20.05 -0.62
CA GLU A 451 -4.01 20.15 0.58
C GLU A 451 -4.52 19.19 1.67
N VAL A 452 -3.61 18.40 2.22
CA VAL A 452 -3.94 17.44 3.29
C VAL A 452 -3.83 18.14 4.63
N THR A 453 -4.92 18.13 5.40
CA THR A 453 -4.97 18.92 6.63
C THR A 453 -4.96 18.02 7.85
N GLY A 454 -5.18 16.72 7.62
CA GLY A 454 -5.06 15.73 8.68
C GLY A 454 -5.84 14.44 8.45
N ARG A 455 -6.18 13.81 9.56
CA ARG A 455 -6.98 12.60 9.57
C ARG A 455 -8.37 12.90 10.12
N ILE A 456 -9.37 12.21 9.60
CA ILE A 456 -10.69 12.30 10.19
C ILE A 456 -10.60 11.72 11.60
N LYS A 457 -11.10 12.45 12.58
CA LYS A 457 -11.08 11.96 13.97
C LYS A 457 -12.49 11.71 14.51
N ASP A 458 -12.57 10.89 15.55
CA ASP A 458 -13.83 10.61 16.22
C ASP A 458 -13.56 10.36 17.71
N VAL A 459 -13.67 11.43 18.49
CA VAL A 459 -13.24 11.38 19.88
C VAL A 459 -14.40 11.34 20.86
N ILE A 460 -14.31 10.43 21.82
CA ILE A 460 -15.24 10.38 22.94
C ILE A 460 -14.56 10.87 24.21
N VAL A 461 -15.13 11.90 24.83
CA VAL A 461 -14.53 12.47 26.03
C VAL A 461 -15.05 11.74 27.26
N ARG A 462 -14.33 10.70 27.66
CA ARG A 462 -14.75 9.84 28.76
C ARG A 462 -13.87 10.04 30.00
N GLY A 463 -14.39 10.80 30.97
CA GLY A 463 -13.60 11.20 32.10
C GLY A 463 -12.45 12.08 31.64
N GLY A 464 -11.26 11.82 32.14
CA GLY A 464 -10.10 12.62 31.78
C GLY A 464 -9.39 12.08 30.55
N GLU A 465 -10.01 11.10 29.88
CA GLU A 465 -9.43 10.52 28.68
C GLU A 465 -10.16 11.01 27.46
N ASN A 466 -9.37 11.30 26.42
CA ASN A 466 -9.88 11.58 25.10
C ASN A 466 -9.73 10.31 24.27
N VAL A 467 -10.79 9.51 24.23
CA VAL A 467 -10.72 8.20 23.64
C VAL A 467 -11.07 8.26 22.15
N SER A 468 -10.28 7.58 21.32
CA SER A 468 -10.61 7.48 19.91
C SER A 468 -11.61 6.36 19.67
N ALA A 469 -12.77 6.70 19.14
CA ALA A 469 -13.78 5.71 18.77
C ALA A 469 -13.26 4.80 17.65
N LEU A 470 -12.61 5.42 16.67
CA LEU A 470 -12.04 4.71 15.52
C LEU A 470 -11.08 3.60 15.91
N ASP A 471 -10.11 3.88 16.78
CA ASP A 471 -9.19 2.80 17.12
C ASP A 471 -9.82 1.83 18.14
N LEU A 472 -10.72 2.31 18.98
CA LEU A 472 -11.46 1.39 19.84
C LEU A 472 -12.23 0.39 18.98
N GLU A 473 -12.87 0.90 17.92
CA GLU A 473 -13.66 0.09 16.99
C GLU A 473 -12.77 -0.90 16.25
N GLU A 474 -11.57 -0.48 15.86
CA GLU A 474 -10.69 -1.40 15.16
C GLU A 474 -10.29 -2.58 16.07
N HIS A 475 -10.08 -2.30 17.36
CA HIS A 475 -9.72 -3.31 18.35
C HIS A 475 -10.83 -4.35 18.55
N LEU A 476 -12.07 -3.86 18.61
CA LEU A 476 -13.22 -4.72 18.85
C LEU A 476 -13.46 -5.63 17.66
N LEU A 477 -13.23 -5.09 16.46
CA LEU A 477 -13.38 -5.82 15.21
C LEU A 477 -12.42 -7.01 15.08
N THR A 478 -11.32 -7.02 15.83
CA THR A 478 -10.39 -8.14 15.76
C THR A 478 -10.91 -9.36 16.50
N HIS A 479 -12.05 -9.21 17.17
CA HIS A 479 -12.78 -10.33 17.76
C HIS A 479 -13.58 -11.04 16.66
N PRO A 480 -13.47 -12.38 16.61
CA PRO A 480 -14.17 -13.21 15.62
C PRO A 480 -15.70 -13.15 15.74
N SER A 481 -16.19 -12.72 16.90
CA SER A 481 -17.63 -12.60 17.09
C SER A 481 -18.16 -11.23 16.70
N VAL A 482 -17.28 -10.24 16.63
CA VAL A 482 -17.68 -8.89 16.22
C VAL A 482 -17.54 -8.71 14.70
N TRP A 483 -18.68 -8.65 14.03
CA TRP A 483 -18.72 -8.39 12.61
C TRP A 483 -18.48 -6.91 12.30
N ALA A 484 -19.41 -6.06 12.76
CA ALA A 484 -19.30 -4.61 12.67
C ALA A 484 -19.33 -4.01 14.09
N ALA A 485 -18.75 -2.83 14.29
CA ALA A 485 -18.74 -2.21 15.62
C ALA A 485 -18.84 -0.70 15.52
N ALA A 486 -19.52 -0.08 16.48
CA ALA A 486 -19.57 1.37 16.59
C ALA A 486 -19.43 1.84 18.05
N ALA A 487 -18.37 2.60 18.33
CA ALA A 487 -18.18 3.19 19.65
C ALA A 487 -18.85 4.56 19.63
N VAL A 488 -19.83 4.72 20.51
CA VAL A 488 -20.66 5.91 20.48
C VAL A 488 -20.57 6.63 21.83
N ALA A 489 -20.72 7.95 21.80
CA ALA A 489 -20.70 8.77 23.00
C ALA A 489 -22.10 9.03 23.52
N LEU A 490 -22.32 8.73 24.79
CA LEU A 490 -23.57 9.05 25.46
C LEU A 490 -23.30 10.00 26.62
N PRO A 491 -24.13 11.04 26.78
CA PRO A 491 -24.09 11.94 27.94
C PRO A 491 -24.18 11.15 29.22
N ASP A 492 -23.25 11.39 30.13
CA ASP A 492 -23.17 10.66 31.37
C ASP A 492 -22.78 11.62 32.48
N GLU A 493 -23.41 11.39 33.62
CA GLU A 493 -23.36 12.27 34.78
C GLU A 493 -22.03 12.21 35.54
N PHE A 494 -21.30 11.10 35.39
CA PHE A 494 -20.05 10.90 36.11
C PHE A 494 -18.83 11.07 35.20
N LEU A 495 -19.00 10.72 33.94
CA LEU A 495 -17.90 10.67 32.99
C LEU A 495 -17.93 11.79 31.97
N GLY A 496 -19.04 12.50 31.89
CA GLY A 496 -19.21 13.48 30.83
C GLY A 496 -19.79 12.78 29.61
N GLU A 497 -19.02 11.85 29.07
CA GLU A 497 -19.53 10.98 28.01
C GLU A 497 -19.12 9.56 28.33
N LYS A 498 -20.06 8.62 28.22
CA LYS A 498 -19.67 7.23 28.36
C LYS A 498 -19.56 6.58 26.98
N ILE A 499 -18.85 5.47 26.94
CA ILE A 499 -18.62 4.74 25.70
C ILE A 499 -19.63 3.58 25.50
N CYS A 500 -20.53 3.72 24.54
CA CYS A 500 -21.41 2.61 24.20
C CYS A 500 -20.97 1.88 22.93
N ALA A 501 -20.62 0.60 23.09
CA ALA A 501 -20.26 -0.25 21.96
C ALA A 501 -21.48 -0.91 21.38
N VAL A 502 -21.92 -0.37 20.25
CA VAL A 502 -22.99 -0.96 19.47
C VAL A 502 -22.39 -1.93 18.46
N VAL A 503 -22.71 -3.20 18.62
CA VAL A 503 -22.03 -4.26 17.88
C VAL A 503 -22.99 -5.13 17.06
N VAL A 504 -22.58 -5.47 15.84
CA VAL A 504 -23.24 -6.54 15.07
C VAL A 504 -22.46 -7.82 15.24
N PHE A 505 -23.06 -8.81 15.91
CA PHE A 505 -22.37 -10.05 16.21
C PHE A 505 -22.41 -11.04 15.06
N ASN A 506 -21.39 -11.89 15.03
CA ASN A 506 -21.29 -12.93 14.01
C ASN A 506 -22.11 -14.17 14.37
N GLY A 507 -21.59 -14.94 15.32
CA GLY A 507 -22.34 -16.04 15.90
C GLY A 507 -23.08 -15.57 17.13
N PRO A 508 -23.11 -16.41 18.17
CA PRO A 508 -23.80 -16.05 19.42
C PRO A 508 -23.12 -14.85 20.08
N PRO A 509 -23.91 -13.96 20.70
CA PRO A 509 -23.30 -12.74 21.26
C PRO A 509 -22.33 -13.04 22.39
N VAL A 510 -21.54 -12.03 22.70
CA VAL A 510 -20.47 -12.13 23.68
C VAL A 510 -20.73 -11.05 24.73
N SER A 511 -20.46 -11.35 25.99
CA SER A 511 -20.71 -10.39 27.06
C SER A 511 -19.67 -9.27 27.09
N LEU A 512 -20.00 -8.15 27.74
CA LEU A 512 -19.10 -7.02 27.83
C LEU A 512 -17.79 -7.44 28.48
N ALA A 513 -17.88 -8.33 29.47
CA ALA A 513 -16.69 -8.73 30.20
C ALA A 513 -15.76 -9.55 29.31
N GLU A 514 -16.32 -10.30 28.39
CA GLU A 514 -15.49 -11.02 27.43
C GLU A 514 -14.82 -10.03 26.46
N LEU A 515 -15.59 -9.11 25.90
CA LEU A 515 -15.03 -8.05 25.07
C LEU A 515 -13.97 -7.25 25.83
N HIS A 516 -14.22 -6.96 27.10
CA HIS A 516 -13.23 -6.29 27.95
C HIS A 516 -11.93 -7.10 28.07
N ALA A 517 -12.06 -8.40 28.28
CA ALA A 517 -10.89 -9.28 28.33
C ALA A 517 -10.10 -9.24 27.02
N HIS A 518 -10.82 -9.24 25.89
CA HIS A 518 -10.20 -9.17 24.57
C HIS A 518 -9.47 -7.85 24.37
N LEU A 519 -10.05 -6.77 24.86
CA LEU A 519 -9.41 -5.46 24.75
C LEU A 519 -8.14 -5.35 25.59
N GLU A 520 -8.10 -6.03 26.74
CA GLU A 520 -6.95 -5.94 27.63
C GLU A 520 -5.75 -6.72 27.08
N GLN A 521 -6.02 -7.91 26.54
CA GLN A 521 -4.99 -8.71 25.88
C GLN A 521 -4.34 -7.98 24.70
N ARG A 522 -5.07 -7.04 24.10
CA ARG A 522 -4.56 -6.25 22.99
C ARG A 522 -3.88 -4.96 23.44
N GLY A 523 -3.92 -4.69 24.74
CA GLY A 523 -3.24 -3.53 25.31
C GLY A 523 -4.08 -2.29 25.51
N VAL A 524 -5.40 -2.41 25.57
CA VAL A 524 -6.27 -1.26 25.84
C VAL A 524 -6.49 -1.11 27.34
N ALA A 525 -6.27 0.08 27.88
CA ALA A 525 -6.46 0.31 29.31
C ALA A 525 -7.95 0.44 29.63
N ALA A 526 -8.28 0.36 30.91
CA ALA A 526 -9.69 0.31 31.32
C ALA A 526 -10.38 1.66 31.12
N HIS A 527 -9.60 2.70 30.84
CA HIS A 527 -10.14 4.04 30.66
C HIS A 527 -10.58 4.28 29.21
N SER A 528 -10.42 3.26 28.37
CA SER A 528 -10.86 3.32 26.99
C SER A 528 -11.71 2.12 26.60
N ARG A 529 -12.22 1.41 27.59
CA ARG A 529 -13.06 0.26 27.30
C ARG A 529 -14.51 0.69 27.38
N PRO A 530 -15.39 0.03 26.58
CA PRO A 530 -16.79 0.48 26.54
C PRO A 530 -17.49 0.27 27.87
N ASP A 531 -18.33 1.20 28.28
CA ASP A 531 -19.10 1.06 29.51
C ASP A 531 -20.33 0.16 29.31
N ALA A 532 -20.80 0.08 28.06
CA ALA A 532 -21.99 -0.71 27.77
C ALA A 532 -21.90 -1.36 26.40
N LEU A 533 -22.57 -2.48 26.24
CA LEU A 533 -22.56 -3.22 24.99
C LEU A 533 -23.98 -3.39 24.47
N VAL A 534 -24.23 -3.01 23.22
CA VAL A 534 -25.59 -3.12 22.68
C VAL A 534 -25.59 -3.76 21.28
N PRO A 535 -26.19 -4.95 21.15
CA PRO A 535 -26.28 -5.64 19.86
C PRO A 535 -27.36 -5.08 18.93
N MET A 536 -27.04 -5.02 17.65
CA MET A 536 -28.00 -4.62 16.63
C MET A 536 -27.85 -5.58 15.45
N PRO A 537 -28.95 -5.85 14.72
CA PRO A 537 -28.83 -6.73 13.55
C PRO A 537 -28.01 -6.08 12.42
N SER A 538 -27.95 -4.74 12.43
CA SER A 538 -27.08 -4.00 11.53
C SER A 538 -26.90 -2.55 12.01
N LEU A 539 -25.88 -1.89 11.51
CA LEU A 539 -25.63 -0.51 11.89
C LEU A 539 -26.14 0.45 10.83
N PRO A 540 -26.86 1.50 11.27
CA PRO A 540 -27.23 2.57 10.33
C PRO A 540 -26.02 3.28 9.75
N THR A 541 -26.15 3.73 8.49
CA THR A 541 -25.07 4.39 7.76
C THR A 541 -25.54 5.67 7.08
N THR A 542 -24.63 6.60 6.86
CA THR A 542 -24.91 7.77 6.03
C THR A 542 -24.85 7.38 4.54
N ALA A 543 -25.20 8.31 3.66
CA ALA A 543 -25.21 8.07 2.22
C ALA A 543 -23.81 8.05 1.61
N VAL A 544 -22.87 7.47 2.36
CA VAL A 544 -21.46 7.46 2.04
C VAL A 544 -20.91 6.20 2.72
N GLY A 545 -21.73 5.61 3.58
CA GLY A 545 -21.44 4.29 4.11
C GLY A 545 -20.85 4.32 5.50
N LYS A 546 -20.45 5.52 5.93
CA LYS A 546 -19.94 5.73 7.27
C LYS A 546 -21.07 5.52 8.28
N ILE A 547 -20.76 4.86 9.39
CA ILE A 547 -21.76 4.55 10.40
C ILE A 547 -22.45 5.84 10.83
N ASP A 548 -23.79 5.84 10.88
CA ASP A 548 -24.53 7.05 11.28
C ASP A 548 -24.70 7.11 12.80
N LYS A 549 -23.66 7.61 13.48
CA LYS A 549 -23.58 7.53 14.93
C LYS A 549 -24.56 8.48 15.61
N LYS A 550 -24.83 9.62 14.99
CA LYS A 550 -25.77 10.57 15.54
C LYS A 550 -27.14 9.90 15.59
N ALA A 551 -27.38 9.02 14.64
CA ALA A 551 -28.63 8.27 14.58
C ALA A 551 -28.66 7.19 15.66
N ILE A 552 -27.54 6.49 15.83
CA ILE A 552 -27.41 5.47 16.86
C ILE A 552 -27.61 6.08 18.26
N VAL A 553 -27.18 7.32 18.45
CA VAL A 553 -27.43 8.05 19.70
C VAL A 553 -28.93 8.23 19.92
N ARG A 554 -29.61 8.90 18.98
CA ARG A 554 -31.08 9.07 19.05
C ARG A 554 -31.82 7.72 18.95
N GLN A 555 -31.31 6.72 19.65
CA GLN A 555 -32.00 5.48 19.95
C GLN A 555 -31.45 5.04 21.30
N LEU A 556 -31.16 3.75 21.40
CA LEU A 556 -30.27 3.21 22.42
C LEU A 556 -30.74 3.55 23.84
#